data_4P9K
#
_entry.id   4P9K
#
_cell.length_a   76.290
_cell.length_b   76.290
_cell.length_c   110.813
_cell.angle_alpha   90.000
_cell.angle_beta   90.000
_cell.angle_gamma   120.000
#
_symmetry.space_group_name_H-M   'P 32 2 1'
#
loop_
_entity.id
_entity.type
_entity.pdbx_description
1 polymer 'TRAP dicarboxylate transporter, DctP subunit'
2 non-polymer '(2R,3R)-2,3,4-trihydroxybutanoic acid'
3 water water
#
_entity_poly.entity_id   1
_entity_poly.type   'polypeptide(L)'
_entity_poly.pdbx_seq_one_letter_code
;(MSE)HHHHHHSSGVDLGTENLYFQS(MSE)AAQTT(MSE)RINISTAQNSHQGVAIDTFAKEVEKRTGGRYKVQTFYNA
ALGAERESVEAVQLGTHELTFSSSGPIPNFVPETKILDVPFLFRDKAHARAVLDGPIGQELLTRFDGKGFKALAWAENGF
RH(MSE)SNSKRAVKEPGDLKGLK(MSE)RT(MSE)ENPVHIAAYKGFGIVTTP(MSE)AFSEVFTALQQGTVDGQENPL
SVIISAKFDQVQKHLTLTGHVYSPALFL(MSE)NKALFDKLPAADQQAFIDAARQGAKLNRARVDEDDAKGVADLRAKG
(MSE)TVIDNIDKARFVAALAPVNAQFEKQFGKAALEQIRSAQ
;
_entity_poly.pdbx_strand_id   A
#
# COMPACT_ATOMS: atom_id res chain seq x y z
N ALA A 24 6.10 -17.11 -33.32
CA ALA A 24 5.92 -17.89 -32.10
C ALA A 24 4.71 -17.37 -31.36
N ALA A 25 3.98 -18.27 -30.71
CA ALA A 25 2.78 -17.89 -29.97
C ALA A 25 3.14 -16.85 -28.93
N GLN A 26 2.30 -15.84 -28.81
CA GLN A 26 2.50 -14.78 -27.85
C GLN A 26 1.18 -14.50 -27.14
N THR A 27 1.26 -14.15 -25.86
CA THR A 27 0.07 -13.83 -25.10
C THR A 27 0.29 -12.43 -24.56
N THR A 28 -0.72 -11.57 -24.71
CA THR A 28 -0.67 -10.23 -24.16
C THR A 28 -1.61 -10.18 -22.97
N ARG A 30 -2.75 -7.74 -19.25
CA ARG A 30 -2.89 -6.37 -18.77
C ARG A 30 -2.66 -6.29 -17.27
N ILE A 31 -1.96 -5.24 -16.83
CA ILE A 31 -1.78 -4.94 -15.42
C ILE A 31 -2.09 -3.46 -15.18
N ASN A 32 -2.71 -3.16 -14.04
CA ASN A 32 -3.05 -1.78 -13.72
C ASN A 32 -2.71 -1.38 -12.29
N ILE A 33 -2.68 -0.06 -12.08
CA ILE A 33 -2.53 0.56 -10.77
C ILE A 33 -3.48 1.76 -10.65
N SER A 34 -3.62 2.27 -9.44
CA SER A 34 -4.45 3.43 -9.17
C SER A 34 -3.71 4.75 -9.23
N THR A 35 -2.39 4.68 -9.35
CA THR A 35 -1.49 5.82 -9.26
C THR A 35 -0.88 6.13 -10.64
N ALA A 36 -0.04 7.16 -10.69
CA ALA A 36 0.54 7.63 -11.93
C ALA A 36 1.66 6.76 -12.47
N GLN A 37 1.87 6.76 -13.78
CA GLN A 37 3.03 6.11 -14.35
C GLN A 37 4.31 6.67 -13.70
N ASN A 38 4.37 7.98 -13.51
CA ASN A 38 5.51 8.59 -12.84
C ASN A 38 5.32 8.52 -11.33
N SER A 39 5.51 7.33 -10.77
CA SER A 39 5.40 7.06 -9.34
C SER A 39 6.12 5.77 -9.03
N HIS A 40 6.27 5.51 -7.73
CA HIS A 40 6.80 4.26 -7.25
C HIS A 40 6.08 3.01 -7.80
N GLN A 41 4.76 3.12 -7.99
CA GLN A 41 3.99 1.99 -8.49
C GLN A 41 4.07 1.87 -10.01
N GLY A 42 4.14 3.00 -10.69
CA GLY A 42 4.41 2.99 -12.12
C GLY A 42 5.73 2.34 -12.45
N VAL A 43 6.77 2.67 -11.68
CA VAL A 43 8.06 2.00 -11.78
C VAL A 43 7.91 0.48 -11.58
N ALA A 44 7.11 0.08 -10.59
CA ALA A 44 6.91 -1.34 -10.29
C ALA A 44 6.34 -2.09 -11.49
N ILE A 45 5.25 -1.56 -12.06
CA ILE A 45 4.60 -2.32 -13.14
C ILE A 45 5.31 -2.19 -14.49
N ASP A 46 5.93 -1.04 -14.75
CA ASP A 46 6.72 -0.89 -15.97
C ASP A 46 7.94 -1.82 -15.92
N THR A 47 8.57 -1.93 -14.75
CA THR A 47 9.70 -2.83 -14.60
C THR A 47 9.26 -4.29 -14.76
N PHE A 48 8.16 -4.65 -14.10
CA PHE A 48 7.58 -5.98 -14.25
C PHE A 48 7.31 -6.32 -15.72
N ALA A 49 6.65 -5.41 -16.44
CA ALA A 49 6.32 -5.68 -17.83
C ALA A 49 7.58 -5.90 -18.67
N LYS A 50 8.58 -5.06 -18.45
CA LYS A 50 9.84 -5.16 -19.19
C LYS A 50 10.54 -6.50 -18.91
N GLU A 51 10.52 -6.90 -17.66
CA GLU A 51 11.18 -8.13 -17.24
C GLU A 51 10.44 -9.38 -17.74
N VAL A 52 9.11 -9.33 -17.73
CA VAL A 52 8.34 -10.47 -18.23
C VAL A 52 8.66 -10.68 -19.69
N GLU A 53 8.70 -9.59 -20.46
CA GLU A 53 8.98 -9.70 -21.88
C GLU A 53 10.39 -10.27 -22.10
N LYS A 54 11.35 -9.76 -21.34
CA LYS A 54 12.74 -10.20 -21.49
C LYS A 54 12.89 -11.67 -21.12
N ARG A 55 12.33 -12.04 -19.96
CA ARG A 55 12.59 -13.37 -19.39
C ARG A 55 11.80 -14.48 -20.05
N THR A 56 10.86 -14.11 -20.92
CA THR A 56 10.08 -15.09 -21.66
C THR A 56 10.39 -15.01 -23.15
N GLY A 57 11.46 -14.31 -23.50
CA GLY A 57 11.83 -14.14 -24.89
C GLY A 57 10.68 -13.65 -25.76
N GLY A 58 9.86 -12.75 -25.23
CA GLY A 58 8.82 -12.12 -26.01
C GLY A 58 7.52 -12.92 -26.13
N ARG A 59 7.49 -14.09 -25.52
CA ARG A 59 6.31 -14.95 -25.61
C ARG A 59 5.16 -14.42 -24.75
N TYR A 60 5.49 -13.63 -23.73
CA TYR A 60 4.47 -12.94 -22.94
C TYR A 60 4.78 -11.45 -22.92
N LYS A 61 3.74 -10.66 -23.16
CA LYS A 61 3.84 -9.20 -23.11
C LYS A 61 2.78 -8.68 -22.14
N VAL A 62 3.12 -7.63 -21.39
CA VAL A 62 2.18 -7.07 -20.42
C VAL A 62 1.96 -5.59 -20.73
N GLN A 63 0.70 -5.24 -21.00
CA GLN A 63 0.29 -3.86 -21.23
C GLN A 63 -0.02 -3.22 -19.89
N THR A 64 0.48 -2.00 -19.70
CA THR A 64 0.34 -1.32 -18.43
C THR A 64 -0.69 -0.19 -18.48
N PHE A 65 -1.45 -0.07 -17.40
CA PHE A 65 -2.52 0.90 -17.25
C PHE A 65 -2.35 1.64 -15.95
N TYR A 66 -2.65 2.92 -15.94
CA TYR A 66 -2.35 3.79 -14.81
C TYR A 66 -3.58 4.57 -14.37
N ASN A 67 -3.46 5.25 -13.23
CA ASN A 67 -4.50 6.16 -12.73
C ASN A 67 -5.90 5.55 -12.67
N ALA A 68 -5.95 4.29 -12.26
CA ALA A 68 -7.21 3.59 -12.06
C ALA A 68 -7.98 3.25 -13.36
N ALA A 69 -7.30 3.29 -14.51
CA ALA A 69 -7.83 2.66 -15.69
C ALA A 69 -7.97 1.17 -15.35
N LEU A 70 -9.09 0.57 -15.75
CA LEU A 70 -9.48 -0.80 -15.40
C LEU A 70 -9.94 -0.98 -13.94
N GLY A 71 -10.04 0.13 -13.20
CA GLY A 71 -10.53 0.13 -11.83
C GLY A 71 -9.51 0.65 -10.86
N ALA A 72 -10.01 1.19 -9.75
CA ALA A 72 -9.16 1.48 -8.59
C ALA A 72 -8.88 0.14 -7.87
N GLU A 73 -8.25 0.19 -6.70
CA GLU A 73 -7.65 -1.05 -6.16
C GLU A 73 -8.64 -2.16 -5.84
N ARG A 74 -9.68 -1.87 -5.07
CA ARG A 74 -10.65 -2.92 -4.73
C ARG A 74 -11.29 -3.55 -5.97
N GLU A 75 -11.77 -2.71 -6.89
CA GLU A 75 -12.33 -3.18 -8.15
C GLU A 75 -11.33 -4.04 -8.95
N SER A 76 -10.06 -3.65 -8.90
CA SER A 76 -9.03 -4.32 -9.67
C SER A 76 -8.67 -5.70 -9.09
N VAL A 77 -8.57 -5.78 -7.78
CA VAL A 77 -8.31 -7.06 -7.12
C VAL A 77 -9.48 -8.02 -7.44
N GLU A 78 -10.71 -7.51 -7.34
CA GLU A 78 -11.88 -8.27 -7.73
C GLU A 78 -11.80 -8.72 -9.20
N ALA A 79 -11.41 -7.80 -10.09
CA ALA A 79 -11.32 -8.09 -11.52
C ALA A 79 -10.33 -9.22 -11.80
N VAL A 80 -9.20 -9.18 -11.11
CA VAL A 80 -8.18 -10.22 -11.27
C VAL A 80 -8.71 -11.55 -10.73
N GLN A 81 -9.44 -11.52 -9.63
CA GLN A 81 -10.05 -12.73 -9.09
C GLN A 81 -11.05 -13.31 -10.08
N LEU A 82 -11.87 -12.44 -10.66
CA LEU A 82 -12.85 -12.87 -11.67
C LEU A 82 -12.19 -13.32 -12.97
N GLY A 83 -11.03 -12.74 -13.27
CA GLY A 83 -10.34 -12.99 -14.53
C GLY A 83 -10.71 -12.03 -15.66
N THR A 84 -11.35 -10.91 -15.36
CA THR A 84 -11.73 -9.96 -16.40
C THR A 84 -10.51 -9.21 -16.92
N HIS A 85 -9.48 -9.08 -16.09
CA HIS A 85 -8.13 -8.86 -16.60
C HIS A 85 -7.14 -9.65 -15.73
N GLU A 86 -5.88 -9.69 -16.14
CA GLU A 86 -4.99 -10.76 -15.71
C GLU A 86 -4.21 -10.47 -14.43
N LEU A 87 -3.82 -9.21 -14.27
CA LEU A 87 -2.87 -8.81 -13.23
C LEU A 87 -3.24 -7.46 -12.63
N THR A 88 -2.84 -7.24 -11.38
CA THR A 88 -2.91 -5.90 -10.80
C THR A 88 -1.81 -5.73 -9.75
N PHE A 89 -1.42 -4.50 -9.49
CA PHE A 89 -0.50 -4.15 -8.43
C PHE A 89 -1.29 -3.26 -7.49
N SER A 90 -1.42 -3.69 -6.25
CA SER A 90 -2.27 -3.02 -5.27
C SER A 90 -1.56 -2.92 -3.93
N SER A 91 -1.81 -1.84 -3.21
CA SER A 91 -1.50 -1.78 -1.79
C SER A 91 -2.30 -2.84 -1.05
N SER A 92 -1.91 -3.09 0.20
CA SER A 92 -2.64 -4.00 1.05
C SER A 92 -4.01 -3.46 1.48
N GLY A 93 -4.32 -2.20 1.20
CA GLY A 93 -5.54 -1.59 1.70
C GLY A 93 -6.82 -2.39 1.58
N PRO A 94 -7.21 -2.73 0.35
CA PRO A 94 -8.48 -3.44 0.16
C PRO A 94 -8.39 -4.96 0.28
N ILE A 95 -7.19 -5.47 0.52
CA ILE A 95 -6.93 -6.92 0.47
C ILE A 95 -7.73 -7.73 1.50
N PRO A 96 -7.95 -7.20 2.71
CA PRO A 96 -8.72 -8.02 3.69
C PRO A 96 -10.14 -8.36 3.26
N ASN A 97 -10.69 -7.65 2.27
CA ASN A 97 -11.99 -7.99 1.70
C ASN A 97 -11.94 -9.29 0.91
N PHE A 98 -10.73 -9.76 0.63
CA PHE A 98 -10.50 -10.95 -0.19
C PHE A 98 -9.69 -12.02 0.56
N VAL A 99 -8.69 -11.60 1.33
CA VAL A 99 -7.75 -12.49 2.02
C VAL A 99 -7.56 -11.93 3.42
N PRO A 100 -8.28 -12.48 4.40
CA PRO A 100 -8.31 -11.85 5.73
C PRO A 100 -6.99 -11.88 6.44
N GLU A 101 -6.10 -12.81 6.08
CA GLU A 101 -4.86 -13.03 6.82
C GLU A 101 -3.87 -11.86 6.78
N THR A 102 -4.01 -10.97 5.82
CA THR A 102 -3.06 -9.86 5.69
C THR A 102 -3.31 -8.70 6.67
N LYS A 103 -4.42 -8.74 7.41
CA LYS A 103 -4.77 -7.61 8.28
C LYS A 103 -3.70 -7.25 9.29
N ILE A 104 -2.94 -8.22 9.77
CA ILE A 104 -1.95 -7.95 10.80
C ILE A 104 -0.94 -6.90 10.32
N LEU A 105 -0.68 -6.89 9.01
CA LEU A 105 0.32 -5.97 8.45
C LEU A 105 -0.10 -4.50 8.53
N ASP A 106 -1.40 -4.29 8.74
CA ASP A 106 -1.98 -2.95 8.67
C ASP A 106 -2.06 -2.30 10.07
N VAL A 107 -1.59 -3.02 11.09
CA VAL A 107 -1.62 -2.52 12.46
C VAL A 107 -0.70 -1.29 12.61
N PRO A 108 -1.19 -0.23 13.28
CA PRO A 108 -0.35 0.96 13.44
C PRO A 108 0.89 0.71 14.29
N PHE A 109 2.01 1.28 13.84
CA PHE A 109 3.26 1.31 14.58
C PHE A 109 3.85 -0.08 14.83
N LEU A 110 3.48 -1.01 13.96
CA LEU A 110 4.02 -2.38 14.01
C LEU A 110 5.46 -2.48 13.53
N PHE A 111 5.81 -1.77 12.47
CA PHE A 111 7.14 -1.87 11.87
C PHE A 111 8.01 -0.67 12.25
N ARG A 112 9.25 -0.90 12.65
CA ARG A 112 10.17 0.14 13.07
C ARG A 112 10.53 1.09 11.94
N ASP A 113 10.72 0.52 10.75
CA ASP A 113 11.26 1.24 9.61
C ASP A 113 11.12 0.39 8.35
N LYS A 114 11.49 0.95 7.21
CA LYS A 114 11.34 0.22 5.95
C LYS A 114 12.17 -1.06 5.91
N ALA A 115 13.39 -1.02 6.45
CA ALA A 115 14.23 -2.23 6.44
C ALA A 115 13.54 -3.37 7.18
N HIS A 116 12.93 -3.06 8.33
CA HIS A 116 12.20 -4.07 9.12
C HIS A 116 11.03 -4.65 8.33
N ALA A 117 10.20 -3.78 7.75
CA ALA A 117 9.04 -4.23 7.02
C ALA A 117 9.45 -5.09 5.83
N ARG A 118 10.45 -4.63 5.07
CA ARG A 118 10.87 -5.34 3.87
C ARG A 118 11.45 -6.70 4.23
N ALA A 119 12.20 -6.76 5.31
CA ALA A 119 12.80 -8.02 5.75
C ALA A 119 11.70 -9.00 6.15
N VAL A 120 10.69 -8.52 6.85
CA VAL A 120 9.57 -9.36 7.24
C VAL A 120 8.83 -9.91 6.04
N LEU A 121 8.52 -9.03 5.08
CA LEU A 121 7.76 -9.46 3.93
C LEU A 121 8.54 -10.39 3.00
N ASP A 122 9.84 -10.14 2.85
CA ASP A 122 10.64 -10.95 1.93
C ASP A 122 10.96 -12.33 2.52
N GLY A 123 11.01 -12.41 3.83
CA GLY A 123 11.38 -13.65 4.53
C GLY A 123 10.20 -14.57 4.79
N PRO A 124 10.38 -15.56 5.68
N PRO A 124 10.39 -15.54 5.70
CA PRO A 124 9.37 -16.60 5.88
CA PRO A 124 9.38 -16.57 5.90
C PRO A 124 7.99 -16.10 6.32
C PRO A 124 7.99 -16.09 6.33
N ILE A 125 7.93 -15.01 7.09
CA ILE A 125 6.63 -14.49 7.54
C ILE A 125 5.81 -14.01 6.33
N GLY A 126 6.44 -13.23 5.46
CA GLY A 126 5.78 -12.75 4.25
C GLY A 126 5.48 -13.86 3.27
N GLN A 127 6.37 -14.85 3.17
N GLN A 127 6.39 -14.82 3.21
CA GLN A 127 6.10 -15.97 2.26
CA GLN A 127 6.23 -15.98 2.36
C GLN A 127 4.87 -16.72 2.70
C GLN A 127 4.96 -16.74 2.71
N GLU A 128 4.73 -16.94 4.01
CA GLU A 128 3.54 -17.62 4.50
C GLU A 128 2.28 -16.84 4.13
N LEU A 129 2.33 -15.52 4.23
CA LEU A 129 1.17 -14.71 3.85
C LEU A 129 0.87 -14.84 2.36
N LEU A 130 1.90 -14.93 1.51
CA LEU A 130 1.64 -15.15 0.08
C LEU A 130 0.82 -16.41 -0.18
N THR A 131 1.09 -17.47 0.58
CA THR A 131 0.37 -18.74 0.36
C THR A 131 -1.13 -18.60 0.64
N ARG A 132 -1.52 -17.62 1.46
CA ARG A 132 -2.92 -17.44 1.81
C ARG A 132 -3.77 -16.96 0.62
N PHE A 133 -3.11 -16.49 -0.44
CA PHE A 133 -3.81 -16.01 -1.63
C PHE A 133 -4.28 -17.15 -2.55
N ASP A 134 -3.59 -18.29 -2.47
CA ASP A 134 -3.86 -19.43 -3.37
C ASP A 134 -5.33 -19.91 -3.29
N GLY A 135 -5.84 -20.05 -2.07
CA GLY A 135 -7.20 -20.54 -1.85
C GLY A 135 -8.28 -19.53 -2.16
N LYS A 136 -7.89 -18.29 -2.47
CA LYS A 136 -8.82 -17.23 -2.82
C LYS A 136 -8.70 -16.85 -4.29
N GLY A 137 -8.01 -17.65 -5.09
CA GLY A 137 -8.05 -17.49 -6.53
C GLY A 137 -7.01 -16.55 -7.13
N PHE A 138 -5.95 -16.29 -6.37
CA PHE A 138 -4.82 -15.54 -6.88
C PHE A 138 -3.53 -16.34 -6.83
N LYS A 139 -2.58 -15.95 -7.67
CA LYS A 139 -1.17 -16.17 -7.37
C LYS A 139 -0.62 -14.81 -6.97
N ALA A 140 -0.16 -14.70 -5.72
CA ALA A 140 0.53 -13.51 -5.27
C ALA A 140 1.99 -13.68 -5.62
N LEU A 141 2.44 -12.98 -6.65
CA LEU A 141 3.77 -13.18 -7.22
C LEU A 141 4.90 -12.69 -6.31
N ALA A 142 4.71 -11.53 -5.68
CA ALA A 142 5.70 -10.96 -4.79
C ALA A 142 5.11 -9.82 -3.98
N TRP A 143 5.68 -9.61 -2.80
CA TRP A 143 5.47 -8.42 -2.00
C TRP A 143 6.31 -7.29 -2.54
N ALA A 144 5.70 -6.10 -2.54
CA ALA A 144 6.37 -4.87 -2.90
C ALA A 144 5.95 -3.80 -1.86
N GLU A 145 6.00 -2.52 -2.24
CA GLU A 145 5.87 -1.47 -1.23
C GLU A 145 5.06 -0.28 -1.73
N ASN A 146 4.20 0.21 -0.85
CA ASN A 146 3.56 1.50 -1.04
C ASN A 146 4.28 2.55 -0.19
N GLY A 147 4.45 2.28 1.11
CA GLY A 147 5.29 3.08 1.98
C GLY A 147 4.68 3.31 3.34
N PHE A 148 5.35 4.08 4.18
CA PHE A 148 4.73 4.54 5.43
C PHE A 148 3.77 5.66 5.13
N ARG A 149 2.59 5.59 5.73
CA ARG A 149 1.52 6.55 5.46
C ARG A 149 1.53 7.71 6.45
N HIS A 150 1.15 8.89 5.95
CA HIS A 150 1.20 10.15 6.69
C HIS A 150 -0.12 10.91 6.55
N SER A 152 -2.54 14.04 6.03
CA SER A 152 -2.63 15.39 5.45
C SER A 152 -4.05 15.93 5.65
N ASN A 153 -4.19 17.25 5.65
CA ASN A 153 -5.53 17.84 5.75
C ASN A 153 -5.52 19.31 5.35
N SER A 154 -6.72 19.87 5.23
N SER A 154 -6.71 19.88 5.24
CA SER A 154 -6.95 21.26 4.79
CA SER A 154 -6.88 21.25 4.78
C SER A 154 -7.17 22.22 5.94
C SER A 154 -7.41 22.18 5.87
N LYS A 155 -7.51 21.67 7.10
CA LYS A 155 -8.02 22.45 8.21
C LYS A 155 -6.96 23.04 9.16
N ARG A 156 -6.01 22.21 9.61
CA ARG A 156 -5.07 22.68 10.60
C ARG A 156 -3.80 21.84 10.65
N ALA A 157 -2.71 22.43 11.07
CA ALA A 157 -1.48 21.69 11.31
C ALA A 157 -1.69 20.68 12.43
N VAL A 158 -1.20 19.46 12.22
CA VAL A 158 -1.25 18.39 13.21
C VAL A 158 0.13 18.25 13.86
N LYS A 159 0.24 18.72 15.10
CA LYS A 159 1.50 18.62 15.84
C LYS A 159 1.43 17.60 16.96
N GLU A 160 0.23 17.29 17.44
CA GLU A 160 0.05 16.26 18.47
C GLU A 160 -1.21 15.45 18.16
N PRO A 161 -1.37 14.26 18.77
CA PRO A 161 -2.51 13.43 18.39
C PRO A 161 -3.88 14.06 18.60
N GLY A 162 -4.01 14.93 19.60
CA GLY A 162 -5.26 15.60 19.83
C GLY A 162 -5.72 16.47 18.66
N ASP A 163 -4.78 16.90 17.82
CA ASP A 163 -5.13 17.76 16.68
C ASP A 163 -5.91 16.99 15.61
N LEU A 164 -5.86 15.66 15.66
CA LEU A 164 -6.60 14.81 14.74
C LEU A 164 -8.07 14.67 15.08
N LYS A 165 -8.43 14.91 16.35
CA LYS A 165 -9.80 14.71 16.76
C LYS A 165 -10.77 15.58 15.98
N GLY A 166 -11.78 14.93 15.41
CA GLY A 166 -12.84 15.61 14.70
C GLY A 166 -12.57 15.84 13.22
N LEU A 167 -11.35 15.56 12.77
CA LEU A 167 -11.05 15.70 11.35
C LEU A 167 -11.83 14.64 10.59
N LYS A 168 -12.38 15.05 9.46
CA LYS A 168 -13.03 14.15 8.52
C LYS A 168 -11.97 13.67 7.56
N ARG A 170 -10.64 10.71 4.67
CA ARG A 170 -10.82 9.56 3.80
C ARG A 170 -9.86 8.48 4.25
N THR A 171 -10.33 7.25 4.21
CA THR A 171 -9.50 6.08 4.45
C THR A 171 -9.62 5.13 3.26
N GLU A 173 -10.40 1.15 2.02
CA GLU A 173 -11.46 0.21 2.36
C GLU A 173 -10.87 -0.93 3.20
N ASN A 174 -10.38 -0.56 4.39
CA ASN A 174 -9.60 -1.43 5.25
C ASN A 174 -10.08 -1.33 6.68
N PRO A 175 -10.49 -2.48 7.28
CA PRO A 175 -11.12 -2.43 8.61
C PRO A 175 -10.16 -2.10 9.74
N VAL A 176 -8.89 -2.47 9.57
CA VAL A 176 -7.87 -2.19 10.58
C VAL A 176 -7.59 -0.68 10.63
N HIS A 177 -7.39 -0.07 9.47
CA HIS A 177 -7.20 1.39 9.42
C HIS A 177 -8.38 2.17 9.98
N ILE A 178 -9.58 1.75 9.61
CA ILE A 178 -10.80 2.43 10.06
C ILE A 178 -10.91 2.38 11.58
N ALA A 179 -10.68 1.21 12.17
CA ALA A 179 -10.72 1.11 13.63
C ALA A 179 -9.61 1.92 14.29
N ALA A 180 -8.41 1.83 13.73
CA ALA A 180 -7.28 2.55 14.27
C ALA A 180 -7.51 4.06 14.28
N TYR A 181 -8.00 4.60 13.16
CA TYR A 181 -8.10 6.05 13.05
C TYR A 181 -9.25 6.61 13.90
N LYS A 182 -10.30 5.83 14.08
CA LYS A 182 -11.34 6.21 15.03
C LYS A 182 -10.73 6.38 16.43
N GLY A 183 -9.67 5.63 16.70
CA GLY A 183 -8.92 5.76 17.94
C GLY A 183 -8.30 7.12 18.18
N PHE A 184 -8.01 7.85 17.10
CA PHE A 184 -7.55 9.23 17.18
C PHE A 184 -8.73 10.24 17.20
N GLY A 185 -9.96 9.76 17.18
CA GLY A 185 -11.11 10.63 17.14
C GLY A 185 -11.40 11.14 15.74
N ILE A 186 -10.79 10.51 14.74
CA ILE A 186 -11.04 10.86 13.34
C ILE A 186 -12.39 10.33 12.89
N VAL A 187 -13.09 11.14 12.10
CA VAL A 187 -14.34 10.74 11.46
C VAL A 187 -14.00 10.16 10.10
N THR A 188 -14.12 8.84 9.96
CA THR A 188 -13.62 8.15 8.76
C THR A 188 -14.65 8.02 7.63
N THR A 189 -14.15 8.08 6.39
CA THR A 189 -14.97 7.78 5.22
C THR A 189 -14.14 6.94 4.25
N PRO A 190 -14.43 5.65 4.14
CA PRO A 190 -13.70 4.85 3.16
C PRO A 190 -14.07 5.21 1.72
N ALA A 192 -12.63 4.61 -2.60
CA ALA A 192 -11.68 4.25 -3.64
C ALA A 192 -10.75 5.40 -3.98
N PHE A 193 -9.51 5.11 -4.36
CA PHE A 193 -8.51 6.16 -4.56
C PHE A 193 -8.88 7.12 -5.68
N SER A 194 -9.59 6.61 -6.70
CA SER A 194 -9.97 7.43 -7.85
C SER A 194 -10.88 8.58 -7.48
N GLU A 195 -11.52 8.53 -6.31
CA GLU A 195 -12.40 9.59 -5.84
C GLU A 195 -11.73 10.62 -4.94
N VAL A 196 -10.47 10.38 -4.55
CA VAL A 196 -9.85 11.16 -3.48
C VAL A 196 -9.50 12.58 -3.88
N PHE A 197 -8.86 12.78 -5.01
CA PHE A 197 -8.44 14.14 -5.39
C PHE A 197 -9.65 15.09 -5.39
N THR A 198 -10.74 14.65 -6.01
CA THR A 198 -11.92 15.48 -6.10
C THR A 198 -12.55 15.71 -4.72
N ALA A 199 -12.54 14.69 -3.86
CA ALA A 199 -13.11 14.84 -2.52
C ALA A 199 -12.33 15.87 -1.71
N LEU A 200 -11.00 15.84 -1.84
CA LEU A 200 -10.17 16.82 -1.15
C LEU A 200 -10.40 18.22 -1.71
N GLN A 201 -10.44 18.33 -3.03
CA GLN A 201 -10.65 19.62 -3.68
C GLN A 201 -11.97 20.26 -3.26
N GLN A 202 -13.03 19.44 -3.19
CA GLN A 202 -14.37 19.92 -2.86
C GLN A 202 -14.63 20.08 -1.36
N GLY A 203 -13.75 19.54 -0.53
CA GLY A 203 -13.88 19.70 0.91
C GLY A 203 -14.88 18.73 1.54
N THR A 204 -15.21 17.68 0.82
N THR A 204 -15.21 17.64 0.85
CA THR A 204 -16.11 16.64 1.33
CA THR A 204 -16.16 16.67 1.43
C THR A 204 -15.48 16.08 2.61
C THR A 204 -15.52 15.82 2.51
N VAL A 205 -14.19 15.81 2.53
CA VAL A 205 -13.41 15.41 3.70
C VAL A 205 -12.35 16.50 3.89
N ASP A 206 -11.83 16.62 5.10
CA ASP A 206 -10.73 17.52 5.41
C ASP A 206 -9.41 17.01 4.86
N GLY A 207 -9.24 15.69 4.84
CA GLY A 207 -7.94 15.10 4.56
C GLY A 207 -7.95 13.62 4.23
N GLN A 208 -6.75 13.05 4.22
CA GLN A 208 -6.51 11.67 3.83
C GLN A 208 -5.14 11.30 4.39
N GLU A 209 -4.67 10.10 4.08
CA GLU A 209 -3.37 9.66 4.55
C GLU A 209 -2.76 8.74 3.51
N ASN A 210 -1.46 8.89 3.29
CA ASN A 210 -0.78 8.17 2.23
C ASN A 210 0.74 8.37 2.37
N PRO A 211 1.53 7.50 1.73
CA PRO A 211 2.97 7.75 1.71
C PRO A 211 3.33 8.97 0.91
N LEU A 212 4.54 9.50 1.15
CA LEU A 212 5.05 10.59 0.33
C LEU A 212 5.03 10.26 -1.16
N SER A 213 5.32 9.00 -1.51
CA SER A 213 5.34 8.60 -2.90
C SER A 213 4.00 8.87 -3.59
N VAL A 214 2.91 8.71 -2.85
CA VAL A 214 1.58 8.98 -3.39
C VAL A 214 1.23 10.47 -3.32
N ILE A 215 1.51 11.10 -2.18
CA ILE A 215 1.18 12.50 -2.02
C ILE A 215 1.84 13.32 -3.13
N ILE A 216 3.11 13.06 -3.41
CA ILE A 216 3.84 13.76 -4.47
C ILE A 216 3.27 13.44 -5.84
N SER A 217 3.14 12.17 -6.18
CA SER A 217 2.77 11.78 -7.53
C SER A 217 1.32 12.15 -7.85
N ALA A 218 0.46 12.19 -6.84
CA ALA A 218 -0.94 12.57 -7.00
C ALA A 218 -1.14 14.08 -6.85
N LYS A 219 -0.06 14.82 -6.58
CA LYS A 219 -0.12 16.29 -6.46
C LYS A 219 -1.11 16.74 -5.39
N PHE A 220 -1.15 16.03 -4.26
CA PHE A 220 -2.07 16.41 -3.20
C PHE A 220 -1.67 17.73 -2.52
N ASP A 221 -0.45 18.22 -2.77
CA ASP A 221 -0.09 19.58 -2.39
C ASP A 221 -1.03 20.63 -2.97
N GLN A 222 -1.69 20.31 -4.09
CA GLN A 222 -2.60 21.28 -4.74
C GLN A 222 -3.92 21.43 -4.00
N VAL A 223 -4.25 20.44 -3.17
CA VAL A 223 -5.55 20.38 -2.50
C VAL A 223 -5.45 20.09 -0.98
N GLN A 224 -4.23 20.12 -0.47
CA GLN A 224 -3.96 19.94 0.97
C GLN A 224 -2.86 20.89 1.42
N LYS A 225 -3.17 21.72 2.41
CA LYS A 225 -2.22 22.66 2.94
C LYS A 225 -1.25 22.06 3.96
N HIS A 226 -1.72 21.06 4.69
CA HIS A 226 -1.01 20.52 5.85
C HIS A 226 -0.68 19.04 5.67
N LEU A 227 0.52 18.69 6.11
CA LEU A 227 0.99 17.30 6.16
C LEU A 227 1.81 17.12 7.42
N THR A 228 1.61 16.01 8.13
CA THR A 228 2.48 15.60 9.22
C THR A 228 3.00 14.19 8.96
N LEU A 229 4.30 13.99 9.16
CA LEU A 229 4.90 12.67 8.96
C LEU A 229 4.65 11.77 10.16
N THR A 230 3.39 11.43 10.35
CA THR A 230 2.98 10.52 11.41
C THR A 230 3.50 9.11 11.20
N GLY A 231 3.66 8.66 9.97
CA GLY A 231 4.22 7.33 9.74
C GLY A 231 3.41 6.27 10.47
N HIS A 232 2.10 6.41 10.49
CA HIS A 232 1.27 5.68 11.47
C HIS A 232 1.03 4.21 11.14
N VAL A 233 1.10 3.86 9.85
CA VAL A 233 1.04 2.47 9.41
C VAL A 233 2.02 2.31 8.26
N TYR A 234 2.49 1.08 8.08
CA TYR A 234 3.24 0.70 6.87
C TYR A 234 2.27 0.11 5.88
N SER A 235 2.38 0.54 4.62
CA SER A 235 1.52 0.09 3.55
C SER A 235 2.30 -0.80 2.56
N PRO A 236 2.20 -2.13 2.72
CA PRO A 236 2.76 -3.02 1.70
C PRO A 236 2.00 -2.90 0.38
N ALA A 237 2.58 -3.47 -0.68
CA ALA A 237 1.85 -3.68 -1.91
C ALA A 237 2.17 -5.06 -2.47
N LEU A 238 1.42 -5.48 -3.48
CA LEU A 238 1.50 -6.84 -4.03
C LEU A 238 1.30 -6.86 -5.52
N PHE A 239 2.05 -7.72 -6.20
CA PHE A 239 1.71 -8.15 -7.55
C PHE A 239 0.77 -9.35 -7.46
N LEU A 240 -0.41 -9.25 -8.05
CA LEU A 240 -1.42 -10.31 -8.06
C LEU A 240 -1.75 -10.74 -9.47
N ASN A 242 -4.36 -13.66 -11.69
CA ASN A 242 -5.44 -14.64 -11.68
C ASN A 242 -4.83 -16.04 -11.57
N LYS A 243 -5.30 -16.82 -10.62
CA LYS A 243 -4.67 -18.11 -10.32
C LYS A 243 -4.76 -19.07 -11.50
N ALA A 244 -5.93 -19.16 -12.12
CA ALA A 244 -6.10 -20.10 -13.24
C ALA A 244 -5.11 -19.78 -14.35
N LEU A 245 -4.95 -18.49 -14.67
CA LEU A 245 -4.01 -18.08 -15.71
C LEU A 245 -2.56 -18.41 -15.31
N PHE A 246 -2.20 -18.13 -14.05
CA PHE A 246 -0.86 -18.47 -13.59
C PHE A 246 -0.59 -19.97 -13.72
N ASP A 247 -1.54 -20.77 -13.26
CA ASP A 247 -1.35 -22.22 -13.22
C ASP A 247 -1.23 -22.81 -14.64
N LYS A 248 -1.76 -22.12 -15.64
CA LYS A 248 -1.67 -22.58 -17.02
C LYS A 248 -0.35 -22.20 -17.70
N LEU A 249 0.40 -21.29 -17.10
CA LEU A 249 1.73 -20.94 -17.62
C LEU A 249 2.62 -22.18 -17.52
N PRO A 250 3.47 -22.40 -18.53
CA PRO A 250 4.54 -23.41 -18.41
C PRO A 250 5.40 -23.11 -17.19
N ALA A 251 5.98 -24.15 -16.57
CA ALA A 251 6.72 -23.95 -15.35
C ALA A 251 7.81 -22.89 -15.47
N ALA A 252 8.56 -22.86 -16.57
CA ALA A 252 9.64 -21.90 -16.69
C ALA A 252 9.08 -20.47 -16.72
N ASP A 253 7.89 -20.33 -17.29
CA ASP A 253 7.27 -19.03 -17.36
C ASP A 253 6.64 -18.59 -16.04
N GLN A 254 6.14 -19.54 -15.26
CA GLN A 254 5.73 -19.23 -13.88
C GLN A 254 6.90 -18.61 -13.12
N GLN A 255 8.06 -19.24 -13.24
CA GLN A 255 9.25 -18.74 -12.57
C GLN A 255 9.63 -17.35 -13.10
N ALA A 256 9.52 -17.14 -14.40
CA ALA A 256 9.82 -15.84 -15.00
C ALA A 256 8.92 -14.73 -14.46
N PHE A 257 7.63 -15.02 -14.31
CA PHE A 257 6.68 -14.04 -13.80
C PHE A 257 7.00 -13.69 -12.33
N ILE A 258 7.37 -14.69 -11.53
CA ILE A 258 7.73 -14.44 -10.14
C ILE A 258 8.99 -13.58 -10.07
N ASP A 259 9.99 -13.94 -10.85
CA ASP A 259 11.23 -13.20 -10.82
C ASP A 259 11.05 -11.78 -11.38
N ALA A 260 10.18 -11.62 -12.38
CA ALA A 260 9.86 -10.30 -12.92
C ALA A 260 9.23 -9.42 -11.83
N ALA A 261 8.33 -10.01 -11.06
CA ALA A 261 7.69 -9.29 -9.97
C ALA A 261 8.68 -8.89 -8.87
N ARG A 262 9.60 -9.80 -8.55
CA ARG A 262 10.61 -9.47 -7.55
C ARG A 262 11.52 -8.33 -8.03
N GLN A 263 11.84 -8.31 -9.33
CA GLN A 263 12.65 -7.21 -9.86
C GLN A 263 11.84 -5.91 -9.83
N GLY A 264 10.56 -6.00 -10.13
CA GLY A 264 9.65 -4.87 -9.99
C GLY A 264 9.61 -4.30 -8.58
N ALA A 265 9.56 -5.20 -7.59
CA ALA A 265 9.58 -4.76 -6.19
C ALA A 265 10.89 -4.04 -5.86
N LYS A 266 12.01 -4.52 -6.40
CA LYS A 266 13.30 -3.92 -6.11
C LYS A 266 13.32 -2.46 -6.59
N LEU A 267 12.93 -2.22 -7.84
CA LEU A 267 12.97 -0.87 -8.38
C LEU A 267 11.89 0.01 -7.74
N ASN A 268 10.74 -0.58 -7.41
CA ASN A 268 9.67 0.07 -6.66
C ASN A 268 10.18 0.62 -5.32
N ARG A 269 10.84 -0.23 -4.54
CA ARG A 269 11.39 0.17 -3.25
C ARG A 269 12.46 1.24 -3.38
N ALA A 270 13.29 1.15 -4.42
CA ALA A 270 14.32 2.17 -4.64
C ALA A 270 13.67 3.55 -4.87
N ARG A 271 12.58 3.58 -5.61
CA ARG A 271 11.87 4.82 -5.90
C ARG A 271 11.22 5.35 -4.63
N VAL A 272 10.63 4.47 -3.82
CA VAL A 272 10.09 4.91 -2.53
C VAL A 272 11.20 5.56 -1.70
N ASP A 273 12.38 4.97 -1.67
CA ASP A 273 13.50 5.54 -0.93
C ASP A 273 13.88 6.93 -1.44
N GLU A 274 13.91 7.10 -2.76
CA GLU A 274 14.19 8.41 -3.34
C GLU A 274 13.11 9.44 -2.99
N ASP A 275 11.85 9.04 -3.11
CA ASP A 275 10.72 9.90 -2.78
C ASP A 275 10.79 10.35 -1.33
N ASP A 276 11.07 9.42 -0.42
CA ASP A 276 11.10 9.72 1.00
C ASP A 276 12.28 10.66 1.32
N ALA A 277 13.41 10.49 0.63
CA ALA A 277 14.60 11.30 0.87
C ALA A 277 14.41 12.76 0.45
N LYS A 278 13.71 12.99 -0.66
CA LYS A 278 13.57 14.33 -1.22
C LYS A 278 12.20 14.94 -0.98
N GLY A 279 11.26 14.17 -0.43
CA GLY A 279 9.86 14.55 -0.50
C GLY A 279 9.46 15.73 0.38
N VAL A 280 10.05 15.85 1.55
CA VAL A 280 9.71 16.97 2.43
C VAL A 280 10.10 18.30 1.76
N ALA A 281 11.33 18.39 1.24
CA ALA A 281 11.76 19.61 0.57
C ALA A 281 10.90 19.88 -0.64
N ASP A 282 10.56 18.83 -1.38
CA ASP A 282 9.75 18.99 -2.58
C ASP A 282 8.38 19.57 -2.24
N LEU A 283 7.74 19.02 -1.23
CA LEU A 283 6.39 19.44 -0.88
C LEU A 283 6.38 20.81 -0.24
N ARG A 284 7.41 21.17 0.52
CA ARG A 284 7.52 22.51 1.07
C ARG A 284 7.64 23.53 -0.07
N ALA A 285 8.44 23.20 -1.08
CA ALA A 285 8.62 24.12 -2.20
C ALA A 285 7.31 24.33 -2.92
N LYS A 286 6.45 23.32 -2.89
CA LYS A 286 5.13 23.37 -3.52
C LYS A 286 4.07 24.04 -2.66
N GLY A 287 4.47 24.55 -1.50
CA GLY A 287 3.59 25.31 -0.65
C GLY A 287 2.97 24.62 0.55
N THR A 289 2.68 23.02 4.28
CA THR A 289 3.27 23.10 5.61
C THR A 289 3.44 21.67 6.09
N VAL A 290 4.69 21.22 6.18
CA VAL A 290 5.03 19.84 6.50
C VAL A 290 5.66 19.78 7.87
N ILE A 291 4.96 19.13 8.79
CA ILE A 291 5.46 18.89 10.13
C ILE A 291 6.23 17.57 10.11
N ASP A 292 7.56 17.62 10.24
CA ASP A 292 8.34 16.39 10.22
C ASP A 292 9.03 16.10 11.55
N ASN A 293 8.77 16.93 12.54
CA ASN A 293 9.33 16.79 13.87
C ASN A 293 8.19 16.62 14.86
N ILE A 294 7.84 15.37 15.16
CA ILE A 294 6.77 15.06 16.10
C ILE A 294 7.27 14.06 17.14
N ASP A 295 6.50 13.90 18.20
CA ASP A 295 6.78 12.93 19.25
C ASP A 295 5.95 11.66 18.98
N LYS A 296 6.54 10.72 18.24
CA LYS A 296 5.86 9.48 17.87
C LYS A 296 5.28 8.72 19.06
N ALA A 297 6.02 8.70 20.16
CA ALA A 297 5.58 8.00 21.36
C ALA A 297 4.20 8.48 21.80
N ARG A 298 3.92 9.76 21.59
CA ARG A 298 2.64 10.33 22.02
C ARG A 298 1.48 9.81 21.16
N PHE A 299 1.76 9.60 19.88
CA PHE A 299 0.76 9.05 18.96
C PHE A 299 0.50 7.57 19.26
N VAL A 300 1.57 6.84 19.57
CA VAL A 300 1.42 5.45 19.98
C VAL A 300 0.57 5.35 21.23
N ALA A 301 0.87 6.19 22.21
CA ALA A 301 0.14 6.15 23.47
C ALA A 301 -1.34 6.45 23.26
N ALA A 302 -1.65 7.35 22.33
CA ALA A 302 -3.04 7.73 22.07
C ALA A 302 -3.87 6.55 21.56
N LEU A 303 -3.24 5.61 20.89
CA LEU A 303 -3.95 4.46 20.34
C LEU A 303 -4.07 3.26 21.32
N ALA A 304 -3.72 3.44 22.60
CA ALA A 304 -3.62 2.29 23.50
C ALA A 304 -4.87 1.41 23.55
N PRO A 305 -6.06 2.00 23.70
CA PRO A 305 -7.26 1.16 23.73
C PRO A 305 -7.43 0.31 22.47
N VAL A 306 -7.18 0.89 21.30
N VAL A 306 -7.24 0.89 21.30
CA VAL A 306 -7.32 0.13 20.06
CA VAL A 306 -7.43 0.14 20.06
C VAL A 306 -6.14 -0.82 19.86
C VAL A 306 -6.32 -0.87 19.83
N ASN A 307 -4.95 -0.40 20.27
N ASN A 307 -5.10 -0.52 20.22
CA ASN A 307 -3.79 -1.29 20.29
CA ASN A 307 -4.01 -1.49 20.07
C ASN A 307 -4.10 -2.60 21.05
C ASN A 307 -4.17 -2.68 21.02
N ALA A 308 -4.76 -2.45 22.18
CA ALA A 308 -5.07 -3.58 23.07
C ALA A 308 -6.03 -4.52 22.35
N GLN A 309 -6.95 -3.96 21.58
N GLN A 309 -6.92 -3.94 21.57
CA GLN A 309 -7.89 -4.79 20.83
CA GLN A 309 -7.92 -4.66 20.78
C GLN A 309 -7.16 -5.56 19.73
C GLN A 309 -7.29 -5.46 19.62
N PHE A 310 -6.28 -4.89 19.00
CA PHE A 310 -5.53 -5.59 17.96
C PHE A 310 -4.70 -6.72 18.56
N GLU A 311 -4.13 -6.49 19.74
CA GLU A 311 -3.33 -7.53 20.40
C GLU A 311 -4.20 -8.76 20.71
N LYS A 312 -5.42 -8.52 21.17
CA LYS A 312 -6.35 -9.64 21.40
C LYS A 312 -6.71 -10.30 20.05
N GLN A 313 -6.94 -9.48 19.03
CA GLN A 313 -7.40 -9.98 17.72
C GLN A 313 -6.38 -10.89 17.03
N PHE A 314 -5.11 -10.46 16.98
CA PHE A 314 -4.09 -11.20 16.24
C PHE A 314 -3.28 -12.12 17.13
N GLY A 315 -3.27 -11.84 18.42
CA GLY A 315 -2.55 -12.66 19.36
C GLY A 315 -1.12 -12.20 19.56
N LYS A 316 -0.63 -12.41 20.76
CA LYS A 316 0.70 -11.95 21.13
C LYS A 316 1.77 -12.68 20.31
N ALA A 317 1.59 -13.97 20.04
CA ALA A 317 2.63 -14.71 19.35
C ALA A 317 2.89 -14.14 17.96
N ALA A 318 1.83 -13.86 17.21
CA ALA A 318 1.98 -13.38 15.84
C ALA A 318 2.54 -11.97 15.81
N LEU A 319 2.11 -11.12 16.73
CA LEU A 319 2.61 -9.75 16.76
C LEU A 319 4.08 -9.72 17.21
N GLU A 320 4.42 -10.52 18.21
CA GLU A 320 5.82 -10.58 18.66
C GLU A 320 6.73 -11.18 17.58
N GLN A 321 6.21 -12.14 16.83
CA GLN A 321 6.97 -12.76 15.76
C GLN A 321 7.41 -11.69 14.77
N ILE A 322 6.51 -10.76 14.45
CA ILE A 322 6.86 -9.67 13.56
C ILE A 322 7.76 -8.63 14.24
N ARG A 323 7.40 -8.22 15.44
CA ARG A 323 8.15 -7.17 16.11
C ARG A 323 9.58 -7.58 16.45
N SER A 324 9.82 -8.88 16.64
CA SER A 324 11.16 -9.34 17.02
C SER A 324 12.02 -9.66 15.80
N ALA A 325 11.45 -9.53 14.61
CA ALA A 325 12.17 -9.84 13.38
C ALA A 325 13.28 -8.84 13.07
N GLN A 326 14.42 -9.39 12.65
CA GLN A 326 15.62 -8.64 12.31
C GLN A 326 16.56 -9.55 11.52
#